data_9IBN
#
_entry.id   9IBN
#
_cell.length_a   67.486
_cell.length_b   69.674
_cell.length_c   87.413
_cell.angle_alpha   90.00
_cell.angle_beta   102.81
_cell.angle_gamma   90.00
#
_symmetry.space_group_name_H-M   'P 1 21 1'
#
loop_
_entity.id
_entity.type
_entity.pdbx_description
1 polymer 'Foldase protein PrsA'
2 non-polymer GLYCEROL
3 non-polymer 'CADMIUM ION'
4 water water
#
_entity_poly.entity_id   1
_entity_poly.type   'polypeptide(L)'
_entity_poly.pdbx_seq_one_letter_code
;VQILMKKKSIILAATSALAVLTLAACSGDTNKDIATMKGGTITVSDFYDEAKLESSNQSLVQRMIIYKVFNNKYGDKVTD
KQVDAEYDKQAKSLGDTFESQLEAAGYTKDTYKEYIRNNLAFEAGLKAHVDITDDDLKTAWKSFHPEVEAQIIKLSSEDE
AKDVKKSADDGDDFSKLAKDKSTDTETKEDGGKVKFDSTTTTIPAEVKEAAFKLKDGEISDVITTTNPTSYATEYYVVKM
VKNQNKGNDMDKYKDQLKDIATETKLSDNAFTTKVIGEELKDANVKIKDDAFENVLSAFTTTSSSTKDSSETTASTKSSD
TKSTDSTKESSTEETTDSSK
;
_entity_poly.pdbx_strand_id   A,B
#
loop_
_chem_comp.id
_chem_comp.type
_chem_comp.name
_chem_comp.formula
CD non-polymer 'CADMIUM ION' 'Cd 2'
GOL non-polymer GLYCEROL 'C3 H8 O3'
#
# COMPACT_ATOMS: atom_id res chain seq x y z
N ASN A 31 -23.67 -2.36 -21.58
CA ASN A 31 -22.61 -1.67 -20.78
C ASN A 31 -21.91 -0.62 -21.66
N LYS A 32 -21.46 0.47 -21.04
CA LYS A 32 -20.83 1.61 -21.69
C LYS A 32 -19.40 1.29 -22.15
N ASP A 33 -18.90 2.09 -23.09
CA ASP A 33 -17.49 2.01 -23.46
C ASP A 33 -16.68 2.97 -22.56
N ILE A 34 -15.64 2.43 -21.92
CA ILE A 34 -14.63 3.18 -21.16
C ILE A 34 -13.56 3.74 -22.10
N ALA A 35 -13.28 3.03 -23.19
CA ALA A 35 -12.29 3.53 -24.12
C ALA A 35 -12.35 2.71 -25.39
N THR A 36 -11.73 3.25 -26.44
CA THR A 36 -11.73 2.62 -27.75
C THR A 36 -10.36 2.86 -28.37
N MET A 37 -10.07 2.05 -29.39
CA MET A 37 -8.80 2.06 -30.10
C MET A 37 -8.99 1.26 -31.39
N LYS A 38 -8.04 1.42 -32.32
CA LYS A 38 -7.96 0.67 -33.56
C LYS A 38 -8.20 -0.81 -33.25
N GLY A 39 -9.33 -1.32 -33.74
CA GLY A 39 -9.82 -2.65 -33.44
C GLY A 39 -9.81 -2.91 -31.93
N GLY A 40 -10.92 -2.64 -31.26
CA GLY A 40 -10.93 -2.93 -29.84
C GLY A 40 -11.72 -1.88 -29.06
N THR A 41 -12.52 -2.38 -28.13
CA THR A 41 -13.27 -1.54 -27.24
C THR A 41 -13.09 -2.09 -25.82
N ILE A 42 -13.00 -1.22 -24.81
CA ILE A 42 -12.99 -1.72 -23.44
C ILE A 42 -14.26 -1.25 -22.76
N THR A 43 -15.14 -2.17 -22.38
CA THR A 43 -16.42 -1.79 -21.78
C THR A 43 -16.30 -1.86 -20.26
N VAL A 44 -17.36 -1.38 -19.61
CA VAL A 44 -17.47 -1.46 -18.16
C VAL A 44 -17.49 -2.93 -17.79
N SER A 45 -18.10 -3.74 -18.66
CA SER A 45 -18.18 -5.14 -18.34
C SER A 45 -16.77 -5.75 -18.33
N ASP A 46 -15.97 -5.39 -19.35
CA ASP A 46 -14.62 -5.90 -19.50
C ASP A 46 -13.79 -5.43 -18.31
N PHE A 47 -14.10 -4.24 -17.78
CA PHE A 47 -13.41 -3.64 -16.65
C PHE A 47 -13.78 -4.41 -15.39
N TYR A 48 -15.07 -4.67 -15.24
CA TYR A 48 -15.52 -5.43 -14.10
C TYR A 48 -14.76 -6.74 -14.02
N ASP A 49 -14.72 -7.53 -15.11
CA ASP A 49 -14.24 -8.89 -14.97
C ASP A 49 -12.81 -8.91 -14.47
N GLU A 50 -12.11 -7.79 -14.62
CA GLU A 50 -10.71 -7.69 -14.25
C GLU A 50 -10.64 -7.17 -12.82
N ALA A 51 -11.39 -6.11 -12.54
CA ALA A 51 -11.38 -5.41 -11.27
C ALA A 51 -11.81 -6.33 -10.12
N LYS A 52 -12.83 -7.15 -10.38
CA LYS A 52 -13.38 -8.02 -9.35
C LYS A 52 -12.33 -8.98 -8.79
N LEU A 53 -11.11 -8.93 -9.31
CA LEU A 53 -10.10 -9.85 -8.80
C LEU A 53 -9.22 -9.10 -7.82
N GLU A 54 -8.85 -7.88 -8.20
CA GLU A 54 -8.06 -6.93 -7.44
C GLU A 54 -8.46 -6.95 -5.96
N SER A 55 -7.45 -7.02 -5.09
CA SER A 55 -7.68 -6.95 -3.65
C SER A 55 -8.36 -5.64 -3.25
N SER A 56 -7.86 -4.51 -3.75
CA SER A 56 -8.44 -3.21 -3.46
C SER A 56 -9.96 -3.26 -3.60
N ASN A 57 -10.43 -4.01 -4.60
CA ASN A 57 -11.84 -4.05 -4.90
C ASN A 57 -12.57 -5.07 -4.02
N GLN A 58 -11.82 -6.01 -3.44
CA GLN A 58 -12.39 -6.85 -2.39
C GLN A 58 -12.92 -5.93 -1.29
N SER A 59 -12.00 -5.19 -0.66
CA SER A 59 -12.27 -4.18 0.35
C SER A 59 -13.37 -3.22 -0.08
N LEU A 60 -13.39 -2.86 -1.35
CA LEU A 60 -14.37 -1.89 -1.78
C LEU A 60 -15.78 -2.47 -1.65
N VAL A 61 -15.99 -3.70 -2.15
CA VAL A 61 -17.37 -4.16 -2.18
C VAL A 61 -17.81 -4.49 -0.75
N GLN A 62 -16.83 -4.88 0.09
CA GLN A 62 -17.07 -5.03 1.50
C GLN A 62 -17.69 -3.74 2.06
N ARG A 63 -16.97 -2.62 1.94
CA ARG A 63 -17.44 -1.38 2.52
C ARG A 63 -18.79 -1.02 1.93
N MET A 64 -18.98 -1.33 0.65
CA MET A 64 -20.15 -0.88 -0.06
C MET A 64 -21.34 -1.66 0.45
N ILE A 65 -21.12 -2.85 1.01
CA ILE A 65 -22.23 -3.67 1.46
C ILE A 65 -22.64 -3.20 2.86
N ILE A 66 -21.62 -3.00 3.69
CA ILE A 66 -21.71 -2.44 5.03
C ILE A 66 -22.42 -1.08 4.99
N TYR A 67 -21.97 -0.19 4.12
CA TYR A 67 -22.56 1.13 4.07
C TYR A 67 -24.06 1.02 3.79
N LYS A 68 -24.38 0.08 2.91
CA LYS A 68 -25.74 0.02 2.40
C LYS A 68 -26.61 -0.48 3.54
N VAL A 69 -26.12 -1.51 4.23
CA VAL A 69 -26.87 -2.12 5.31
C VAL A 69 -27.18 -1.09 6.42
N PHE A 70 -26.15 -0.38 6.89
CA PHE A 70 -26.32 0.62 7.94
C PHE A 70 -27.17 1.80 7.46
N ASN A 71 -27.16 2.08 6.17
CA ASN A 71 -27.90 3.22 5.65
C ASN A 71 -29.39 2.92 5.65
N ASN A 72 -29.70 1.66 5.38
CA ASN A 72 -31.07 1.23 5.31
C ASN A 72 -31.65 1.20 6.73
N LYS A 73 -30.77 1.04 7.71
CA LYS A 73 -31.25 0.85 9.07
C LYS A 73 -31.09 2.15 9.86
N TYR A 74 -29.93 2.80 9.81
CA TYR A 74 -29.76 3.96 10.68
C TYR A 74 -29.86 5.29 9.94
N GLY A 75 -30.22 5.24 8.65
CA GLY A 75 -30.21 6.36 7.72
C GLY A 75 -31.08 7.54 8.19
N ASP A 76 -32.26 7.22 8.72
CA ASP A 76 -33.21 8.18 9.28
C ASP A 76 -32.57 8.99 10.39
N LYS A 77 -31.58 8.42 11.07
CA LYS A 77 -30.98 9.08 12.20
C LYS A 77 -29.98 10.14 11.72
N VAL A 78 -29.71 10.21 10.41
CA VAL A 78 -28.77 11.20 9.92
C VAL A 78 -29.54 12.21 9.06
N THR A 79 -29.36 13.51 9.31
CA THR A 79 -30.07 14.56 8.57
C THR A 79 -29.17 15.25 7.55
N ASP A 80 -29.79 15.80 6.49
CA ASP A 80 -29.04 16.63 5.55
C ASP A 80 -28.29 17.74 6.29
N LYS A 81 -28.88 18.24 7.38
CA LYS A 81 -28.29 19.34 8.12
C LYS A 81 -26.95 18.87 8.67
N GLN A 82 -26.93 17.64 9.17
CA GLN A 82 -25.73 17.12 9.80
C GLN A 82 -24.66 16.80 8.77
N VAL A 83 -25.11 16.36 7.58
CA VAL A 83 -24.23 16.14 6.43
C VAL A 83 -23.55 17.47 6.07
N ASP A 84 -24.39 18.47 5.74
CA ASP A 84 -23.95 19.84 5.50
C ASP A 84 -22.95 20.26 6.58
N ALA A 85 -23.35 20.14 7.85
CA ALA A 85 -22.49 20.50 8.96
C ALA A 85 -21.10 19.88 8.83
N GLU A 86 -21.07 18.57 8.56
CA GLU A 86 -19.81 17.83 8.51
C GLU A 86 -19.01 18.28 7.29
N TYR A 87 -19.70 18.49 6.17
CA TYR A 87 -19.04 18.98 4.98
C TYR A 87 -18.34 20.31 5.30
N ASP A 88 -19.13 21.30 5.75
CA ASP A 88 -18.71 22.64 6.15
C ASP A 88 -17.47 22.57 7.04
N LYS A 89 -17.58 21.88 8.18
CA LYS A 89 -16.48 21.66 9.11
C LYS A 89 -15.16 21.40 8.38
N GLN A 90 -15.10 20.30 7.59
CA GLN A 90 -13.88 19.84 6.95
C GLN A 90 -13.40 20.81 5.86
N ALA A 91 -14.35 21.53 5.27
CA ALA A 91 -14.08 22.42 4.14
C ALA A 91 -13.27 23.63 4.60
N LYS A 92 -13.75 24.28 5.67
CA LYS A 92 -13.10 25.46 6.24
C LYS A 92 -11.76 25.04 6.82
N SER A 93 -11.63 23.75 7.12
CA SER A 93 -10.42 23.18 7.71
C SER A 93 -9.44 22.72 6.61
N LEU A 94 -9.47 23.34 5.43
CA LEU A 94 -8.59 22.95 4.33
C LEU A 94 -8.41 24.05 3.28
N GLY A 95 -9.26 25.08 3.29
CA GLY A 95 -9.04 26.26 2.45
C GLY A 95 -9.76 26.20 1.10
N ASP A 96 -9.32 27.06 0.17
CA ASP A 96 -9.84 27.08 -1.20
C ASP A 96 -9.28 25.88 -1.97
N THR A 97 -8.31 25.20 -1.35
CA THR A 97 -7.75 23.94 -1.79
C THR A 97 -8.88 22.93 -2.02
N PHE A 98 -9.59 22.66 -0.91
CA PHE A 98 -10.50 21.55 -0.73
C PHE A 98 -11.30 21.27 -2.00
N GLU A 99 -12.08 22.27 -2.45
CA GLU A 99 -13.03 22.15 -3.54
C GLU A 99 -12.36 21.39 -4.69
N SER A 100 -11.09 21.75 -4.93
CA SER A 100 -10.33 21.25 -6.07
C SER A 100 -9.51 20.02 -5.69
N GLN A 101 -9.34 19.78 -4.38
CA GLN A 101 -8.60 18.62 -3.91
C GLN A 101 -9.47 17.38 -3.98
N LEU A 102 -10.78 17.60 -4.12
CA LEU A 102 -11.77 16.54 -4.27
C LEU A 102 -11.87 16.08 -5.72
N GLU A 103 -11.80 17.03 -6.67
CA GLU A 103 -11.70 16.68 -8.08
C GLU A 103 -10.46 15.80 -8.30
N ALA A 104 -9.39 16.07 -7.51
CA ALA A 104 -8.16 15.32 -7.53
C ALA A 104 -8.38 13.90 -7.01
N ALA A 105 -9.22 13.76 -5.97
CA ALA A 105 -9.55 12.46 -5.38
C ALA A 105 -10.75 11.82 -6.09
N GLY A 106 -11.13 12.38 -7.25
CA GLY A 106 -12.19 11.87 -8.12
C GLY A 106 -13.62 12.17 -7.63
N TYR A 107 -13.77 12.86 -6.49
CA TYR A 107 -15.06 13.15 -5.87
C TYR A 107 -15.60 14.48 -6.37
N THR A 108 -16.94 14.61 -6.37
CA THR A 108 -17.59 15.91 -6.49
C THR A 108 -17.89 16.40 -5.08
N LYS A 109 -18.68 17.48 -4.98
CA LYS A 109 -19.19 17.95 -3.71
C LYS A 109 -20.33 17.05 -3.31
N ASP A 110 -21.30 16.89 -4.22
CA ASP A 110 -22.48 16.05 -4.08
C ASP A 110 -22.11 14.61 -3.70
N THR A 111 -20.91 14.20 -4.10
CA THR A 111 -20.47 12.84 -3.98
C THR A 111 -19.63 12.69 -2.72
N TYR A 112 -19.09 13.81 -2.23
CA TYR A 112 -18.28 13.72 -1.02
C TYR A 112 -19.26 13.76 0.16
N LYS A 113 -20.38 14.45 -0.05
CA LYS A 113 -21.52 14.40 0.85
C LYS A 113 -22.01 12.97 1.02
N GLU A 114 -22.11 12.23 -0.08
CA GLU A 114 -22.65 10.87 -0.02
C GLU A 114 -21.71 10.04 0.86
N TYR A 115 -20.40 10.29 0.76
CA TYR A 115 -19.46 9.61 1.63
C TYR A 115 -19.68 10.02 3.09
N ILE A 116 -19.90 11.32 3.32
CA ILE A 116 -20.12 11.77 4.69
C ILE A 116 -21.38 11.11 5.24
N ARG A 117 -22.43 11.00 4.40
CA ARG A 117 -23.71 10.44 4.80
C ARG A 117 -23.54 8.95 5.11
N ASN A 118 -22.56 8.29 4.49
CA ASN A 118 -22.31 6.90 4.70
C ASN A 118 -21.61 6.69 6.04
N ASN A 119 -20.62 7.54 6.36
CA ASN A 119 -19.95 7.40 7.64
C ASN A 119 -20.84 7.83 8.80
N LEU A 120 -21.73 8.77 8.57
CA LEU A 120 -22.56 9.21 9.66
C LEU A 120 -23.54 8.09 10.02
N ALA A 121 -24.17 7.48 9.00
CA ALA A 121 -25.12 6.41 9.28
C ALA A 121 -24.40 5.21 9.87
N PHE A 122 -23.17 4.97 9.45
CA PHE A 122 -22.37 3.93 10.06
C PHE A 122 -22.24 4.17 11.57
N GLU A 123 -21.73 5.34 11.96
CA GLU A 123 -21.50 5.63 13.37
C GLU A 123 -22.82 5.65 14.16
N ALA A 124 -23.90 6.09 13.50
CA ALA A 124 -25.23 6.05 14.10
C ALA A 124 -25.50 4.62 14.57
N GLY A 125 -25.44 3.67 13.63
CA GLY A 125 -25.54 2.24 13.88
C GLY A 125 -24.66 1.75 15.03
N LEU A 126 -23.37 2.07 15.02
CA LEU A 126 -22.51 1.66 16.12
C LEU A 126 -23.08 2.20 17.43
N LYS A 127 -23.39 3.51 17.47
CA LYS A 127 -23.93 4.16 18.65
C LYS A 127 -25.15 3.41 19.19
N ALA A 128 -26.01 2.92 18.28
CA ALA A 128 -27.25 2.22 18.58
C ALA A 128 -27.00 0.92 19.32
N HIS A 129 -25.75 0.44 19.26
CA HIS A 129 -25.38 -0.79 19.95
C HIS A 129 -24.54 -0.50 21.18
N VAL A 130 -24.50 0.73 21.69
CA VAL A 130 -23.68 0.97 22.85
C VAL A 130 -24.60 0.86 24.06
N ASP A 131 -24.24 0.01 25.02
CA ASP A 131 -24.93 -0.08 26.30
C ASP A 131 -23.79 0.00 27.30
N ILE A 132 -23.57 1.21 27.81
CA ILE A 132 -22.47 1.55 28.70
C ILE A 132 -22.66 0.86 30.04
N THR A 133 -21.56 0.54 30.72
CA THR A 133 -21.59 -0.14 32.00
C THR A 133 -21.05 0.82 33.07
N ASP A 134 -21.41 0.53 34.33
CA ASP A 134 -20.83 1.16 35.50
C ASP A 134 -19.31 1.23 35.39
N ASP A 135 -18.70 0.20 34.81
CA ASP A 135 -17.26 0.14 34.62
C ASP A 135 -16.79 1.16 33.59
N ASP A 136 -17.47 1.20 32.44
CA ASP A 136 -17.20 2.12 31.35
C ASP A 136 -17.12 3.55 31.90
N LEU A 137 -18.11 3.89 32.72
CA LEU A 137 -18.21 5.23 33.30
C LEU A 137 -16.99 5.48 34.19
N LYS A 138 -16.73 4.56 35.11
CA LYS A 138 -15.60 4.61 36.03
C LYS A 138 -14.32 4.89 35.26
N THR A 139 -14.14 4.31 34.07
CA THR A 139 -12.87 4.46 33.36
C THR A 139 -12.75 5.89 32.84
N ALA A 140 -13.88 6.43 32.38
CA ALA A 140 -13.99 7.78 31.84
C ALA A 140 -13.63 8.79 32.93
N TRP A 141 -14.26 8.58 34.09
CA TRP A 141 -14.09 9.37 35.29
C TRP A 141 -12.62 9.47 35.64
N LYS A 142 -11.98 8.29 35.67
CA LYS A 142 -10.65 8.13 36.25
C LYS A 142 -9.73 9.20 35.71
N SER A 143 -9.93 9.59 34.45
CA SER A 143 -9.09 10.63 33.88
C SER A 143 -9.92 11.80 33.33
N PHE A 144 -11.08 12.06 33.92
CA PHE A 144 -11.87 13.19 33.47
C PHE A 144 -11.52 14.43 34.29
N HIS A 145 -11.55 15.59 33.63
CA HIS A 145 -11.51 16.88 34.30
C HIS A 145 -12.64 17.75 33.74
N PRO A 146 -13.46 18.38 34.60
CA PRO A 146 -14.51 19.26 34.11
C PRO A 146 -13.99 20.54 33.47
N GLU A 147 -14.92 21.30 32.86
CA GLU A 147 -14.62 22.50 32.08
C GLU A 147 -14.02 23.59 32.96
N VAL A 148 -12.96 24.21 32.46
CA VAL A 148 -12.30 25.32 33.12
C VAL A 148 -12.26 26.51 32.18
N GLU A 149 -12.30 27.73 32.77
CA GLU A 149 -12.02 28.97 32.07
C GLU A 149 -10.58 29.34 32.34
N ALA A 150 -9.86 29.67 31.27
CA ALA A 150 -8.47 30.06 31.35
C ALA A 150 -8.12 31.03 30.21
N GLN A 151 -6.90 31.59 30.26
CA GLN A 151 -6.34 32.38 29.19
C GLN A 151 -5.02 31.77 28.76
N ILE A 152 -4.79 31.71 27.44
CA ILE A 152 -3.57 31.13 26.88
C ILE A 152 -2.91 32.13 25.92
N ILE A 153 -1.60 32.30 26.14
CA ILE A 153 -0.68 32.94 25.19
C ILE A 153 0.21 31.85 24.61
N LYS A 154 0.30 31.83 23.27
CA LYS A 154 1.18 30.93 22.55
C LYS A 154 2.33 31.73 21.94
N LEU A 155 3.55 31.26 22.13
CA LEU A 155 4.70 31.87 21.49
C LEU A 155 5.45 30.83 20.68
N SER A 156 6.18 31.28 19.64
CA SER A 156 6.92 30.36 18.80
C SER A 156 8.37 30.25 19.27
N SER A 157 8.77 31.14 20.19
CA SER A 157 10.09 31.15 20.81
C SER A 157 10.02 30.63 22.25
N GLU A 158 11.19 30.32 22.82
CA GLU A 158 11.28 29.96 24.23
C GLU A 158 11.57 31.21 25.05
N ASP A 159 12.48 32.07 24.58
CA ASP A 159 12.74 33.36 25.21
C ASP A 159 11.43 34.12 25.29
N GLU A 160 10.72 34.18 24.15
CA GLU A 160 9.52 35.00 24.04
C GLU A 160 8.57 34.68 25.19
N ALA A 161 8.40 33.38 25.47
CA ALA A 161 7.50 32.93 26.52
C ALA A 161 8.10 33.14 27.90
N LYS A 162 9.44 32.99 28.02
CA LYS A 162 10.11 33.23 29.29
C LYS A 162 9.89 34.69 29.67
N ASP A 163 10.14 35.57 28.69
CA ASP A 163 9.92 37.01 28.80
C ASP A 163 8.49 37.30 29.23
N VAL A 164 7.53 36.61 28.61
CA VAL A 164 6.12 36.85 28.86
C VAL A 164 5.77 36.53 30.31
N LYS A 165 6.30 35.43 30.85
CA LYS A 165 5.94 35.00 32.19
C LYS A 165 6.37 36.04 33.22
N LYS A 166 7.55 36.65 33.03
CA LYS A 166 8.03 37.73 33.89
C LYS A 166 7.07 38.92 33.82
N SER A 167 6.60 39.23 32.60
CA SER A 167 5.62 40.29 32.36
C SER A 167 4.39 40.06 33.22
N ALA A 168 3.76 38.89 33.05
CA ALA A 168 2.58 38.52 33.81
C ALA A 168 2.88 38.56 35.30
N ASP A 169 4.10 38.18 35.68
CA ASP A 169 4.56 38.30 37.06
C ASP A 169 4.45 39.76 37.51
N ASP A 170 5.06 40.68 36.75
CA ASP A 170 5.03 42.10 37.03
C ASP A 170 3.58 42.56 37.25
N GLY A 171 2.74 42.34 36.24
CA GLY A 171 1.46 43.02 36.11
C GLY A 171 1.14 43.10 34.63
N ASP A 172 0.65 44.25 34.17
CA ASP A 172 0.10 44.33 32.83
C ASP A 172 -1.06 43.35 32.73
N ASP A 173 -2.08 43.72 31.98
CA ASP A 173 -3.25 42.87 31.87
C ASP A 173 -2.82 41.60 31.14
N PHE A 174 -3.33 40.46 31.60
CA PHE A 174 -3.14 39.23 30.85
C PHE A 174 -3.65 39.48 29.43
N SER A 175 -4.93 39.90 29.33
CA SER A 175 -5.58 40.19 28.06
C SER A 175 -4.68 40.98 27.10
N LYS A 176 -3.96 41.96 27.67
CA LYS A 176 -3.09 42.89 26.95
C LYS A 176 -1.91 42.11 26.35
N LEU A 177 -1.18 41.37 27.20
CA LEU A 177 -0.11 40.48 26.78
C LEU A 177 -0.62 39.50 25.72
N ALA A 178 -1.82 38.94 25.92
CA ALA A 178 -2.39 38.01 24.96
C ALA A 178 -2.58 38.69 23.61
N LYS A 179 -3.16 39.89 23.61
CA LYS A 179 -3.45 40.65 22.40
C LYS A 179 -2.17 40.99 21.65
N ASP A 180 -1.14 41.42 22.39
CA ASP A 180 0.15 41.86 21.86
C ASP A 180 1.00 40.71 21.32
N LYS A 181 0.81 39.49 21.84
CA LYS A 181 1.85 38.47 21.73
C LYS A 181 1.33 37.13 21.21
N SER A 182 0.33 36.54 21.87
CA SER A 182 -0.18 35.22 21.52
C SER A 182 -0.25 35.07 20.00
N THR A 183 0.34 33.98 19.49
CA THR A 183 0.37 33.71 18.05
C THR A 183 -0.79 32.79 17.67
N ASP A 184 -1.63 32.44 18.65
CA ASP A 184 -2.85 31.68 18.39
C ASP A 184 -3.94 32.67 17.99
N THR A 185 -4.02 32.94 16.68
CA THR A 185 -4.95 33.92 16.14
C THR A 185 -6.38 33.51 16.49
N GLU A 186 -6.56 32.21 16.74
CA GLU A 186 -7.79 31.67 17.30
C GLU A 186 -8.25 32.53 18.49
N THR A 187 -7.38 32.68 19.49
CA THR A 187 -7.78 33.16 20.81
C THR A 187 -7.28 34.58 21.08
N LYS A 188 -6.44 35.13 20.18
CA LYS A 188 -5.60 36.28 20.48
C LYS A 188 -6.43 37.54 20.69
N GLU A 189 -7.53 37.67 19.94
CA GLU A 189 -8.32 38.89 19.93
C GLU A 189 -9.25 38.92 21.16
N ASP A 190 -9.38 37.79 21.85
CA ASP A 190 -10.34 37.62 22.93
C ASP A 190 -9.66 37.81 24.29
N GLY A 191 -8.35 38.12 24.27
CA GLY A 191 -7.55 38.14 25.49
C GLY A 191 -7.08 36.73 25.90
N GLY A 192 -7.05 35.83 24.91
CA GLY A 192 -6.58 34.47 25.11
C GLY A 192 -7.57 33.62 25.90
N LYS A 193 -8.86 34.03 25.90
CA LYS A 193 -9.86 33.27 26.61
C LYS A 193 -10.13 31.98 25.86
N VAL A 194 -9.99 30.85 26.59
CA VAL A 194 -10.38 29.52 26.16
C VAL A 194 -11.22 28.91 27.28
N LYS A 195 -12.19 28.09 26.88
CA LYS A 195 -12.85 27.20 27.81
C LYS A 195 -12.55 25.77 27.35
N PHE A 196 -12.31 24.84 28.29
CA PHE A 196 -12.02 23.47 27.89
C PHE A 196 -12.19 22.50 29.06
N ASP A 197 -12.27 21.21 28.74
CA ASP A 197 -12.27 20.15 29.73
C ASP A 197 -11.17 19.14 29.35
N SER A 198 -11.18 17.98 30.01
CA SER A 198 -10.19 16.92 29.80
C SER A 198 -10.22 16.42 28.35
N THR A 199 -11.38 16.58 27.69
CA THR A 199 -11.62 15.93 26.42
C THR A 199 -11.31 16.88 25.27
N THR A 200 -11.07 18.16 25.58
CA THR A 200 -10.92 19.15 24.52
C THR A 200 -9.67 18.79 23.71
N THR A 201 -9.87 18.56 22.41
CA THR A 201 -8.85 18.01 21.53
C THR A 201 -7.93 19.13 21.02
N THR A 202 -8.51 20.32 20.79
CA THR A 202 -7.80 21.42 20.16
C THR A 202 -6.76 22.00 21.12
N ILE A 203 -6.74 21.51 22.36
CA ILE A 203 -5.78 22.01 23.33
C ILE A 203 -4.76 20.91 23.64
N PRO A 204 -3.45 21.20 23.49
CA PRO A 204 -2.38 20.24 23.82
C PRO A 204 -2.46 19.64 25.21
N ALA A 205 -2.20 18.34 25.30
CA ALA A 205 -2.34 17.56 26.50
C ALA A 205 -1.37 18.01 27.59
N GLU A 206 -0.17 18.49 27.18
CA GLU A 206 0.84 18.96 28.12
C GLU A 206 0.36 20.27 28.75
N VAL A 207 -0.57 20.94 28.05
CA VAL A 207 -1.17 22.21 28.45
C VAL A 207 -2.29 21.94 29.46
N LYS A 208 -3.23 21.06 29.10
CA LYS A 208 -4.29 20.65 30.01
C LYS A 208 -3.69 20.12 31.31
N GLU A 209 -2.54 19.43 31.19
CA GLU A 209 -1.85 18.81 32.31
C GLU A 209 -1.42 19.89 33.29
N ALA A 210 -0.73 20.91 32.78
CA ALA A 210 -0.19 21.99 33.60
C ALA A 210 -1.35 22.84 34.13
N ALA A 211 -2.36 23.06 33.27
CA ALA A 211 -3.42 24.02 33.52
C ALA A 211 -4.24 23.61 34.73
N PHE A 212 -4.60 22.31 34.77
CA PHE A 212 -5.57 21.83 35.73
C PHE A 212 -5.01 21.92 37.14
N LYS A 213 -3.67 21.91 37.24
CA LYS A 213 -2.95 22.03 38.49
C LYS A 213 -3.18 23.38 39.16
N LEU A 214 -3.39 24.45 38.35
CA LEU A 214 -3.38 25.85 38.77
C LEU A 214 -4.60 26.20 39.63
N LYS A 215 -4.39 27.03 40.65
CA LYS A 215 -5.47 27.66 41.39
C LYS A 215 -5.95 28.90 40.62
N ASP A 216 -7.05 29.51 41.07
CA ASP A 216 -7.66 30.62 40.34
C ASP A 216 -6.77 31.87 40.37
N GLY A 217 -6.51 32.43 39.17
CA GLY A 217 -5.72 33.63 39.03
C GLY A 217 -4.22 33.32 39.02
N GLU A 218 -3.87 32.03 39.02
CA GLU A 218 -2.48 31.63 39.04
C GLU A 218 -1.99 31.51 37.59
N ILE A 219 -0.73 31.89 37.37
CA ILE A 219 -0.14 31.85 36.04
C ILE A 219 0.81 30.66 35.94
N SER A 220 0.75 29.92 34.83
CA SER A 220 1.55 28.73 34.62
C SER A 220 3.04 29.08 34.59
N ASP A 221 3.90 28.06 34.51
CA ASP A 221 5.24 28.24 34.01
C ASP A 221 5.21 28.11 32.49
N VAL A 222 6.37 28.18 31.85
CA VAL A 222 6.37 27.95 30.41
C VAL A 222 6.07 26.47 30.18
N ILE A 223 5.49 26.15 29.02
CA ILE A 223 5.06 24.79 28.71
C ILE A 223 5.47 24.45 27.28
N THR A 224 6.40 23.50 27.13
CA THR A 224 6.89 23.02 25.84
C THR A 224 5.94 21.94 25.35
N THR A 225 5.79 21.79 24.02
CA THR A 225 4.82 20.86 23.44
C THR A 225 5.15 20.53 21.98
N THR A 226 4.23 19.80 21.31
CA THR A 226 4.46 19.12 20.03
C THR A 226 3.42 19.56 18.99
N ASN A 227 3.21 18.69 17.99
CA ASN A 227 2.10 18.68 17.03
C ASN A 227 1.84 20.03 16.35
N PRO A 228 0.56 20.49 16.25
CA PRO A 228 0.16 21.51 15.27
C PRO A 228 0.06 20.95 13.85
N THR A 229 1.12 21.14 13.04
CA THR A 229 1.26 20.53 11.72
C THR A 229 2.07 19.24 11.85
N SER A 230 1.48 18.24 12.53
CA SER A 230 1.95 16.87 12.67
C SER A 230 3.35 16.75 13.28
N TYR A 231 4.06 17.89 13.44
CA TYR A 231 5.36 17.95 14.13
C TYR A 231 5.76 19.40 14.30
N ALA A 232 6.03 19.82 15.56
CA ALA A 232 6.49 21.16 15.89
C ALA A 232 6.79 21.26 17.40
N THR A 233 7.26 22.44 17.84
CA THR A 233 7.65 22.64 19.24
C THR A 233 7.16 24.00 19.76
N GLU A 234 5.87 24.11 20.11
CA GLU A 234 5.32 25.37 20.60
C GLU A 234 5.48 25.51 22.12
N TYR A 235 5.38 26.76 22.58
CA TYR A 235 5.49 27.12 23.99
C TYR A 235 4.23 27.88 24.39
N TYR A 236 3.89 27.83 25.68
CA TYR A 236 2.60 28.36 26.10
C TYR A 236 2.70 28.90 27.51
N VAL A 237 1.99 30.01 27.76
CA VAL A 237 1.77 30.52 29.10
C VAL A 237 0.26 30.56 29.37
N VAL A 238 -0.12 30.25 30.62
CA VAL A 238 -1.51 30.01 30.96
C VAL A 238 -1.84 30.70 32.26
N LYS A 239 -3.01 31.36 32.26
CA LYS A 239 -3.55 32.00 33.44
C LYS A 239 -4.85 31.30 33.79
N MET A 240 -5.00 30.89 35.04
CA MET A 240 -6.21 30.14 35.34
C MET A 240 -7.30 31.16 35.70
N VAL A 241 -8.43 31.05 35.02
CA VAL A 241 -9.52 31.94 35.38
C VAL A 241 -10.42 31.19 36.33
N LYS A 242 -11.04 30.09 35.85
N LYS A 242 -11.04 30.09 35.85
CA LYS A 242 -11.95 29.35 36.70
CA LYS A 242 -11.95 29.35 36.70
C LYS A 242 -11.69 27.85 36.59
C LYS A 242 -11.69 27.85 36.58
N ASN A 243 -10.89 27.34 37.53
CA ASN A 243 -10.68 25.92 37.70
C ASN A 243 -11.94 25.31 38.35
N GLN A 244 -12.16 24.01 38.12
CA GLN A 244 -13.29 23.30 38.72
C GLN A 244 -12.83 21.93 39.19
N ASN A 245 -13.12 21.61 40.45
CA ASN A 245 -12.81 20.30 41.02
C ASN A 245 -13.96 19.35 40.73
N LYS A 246 -13.65 18.06 40.51
CA LYS A 246 -14.68 17.13 40.06
C LYS A 246 -15.33 16.43 41.25
N GLY A 247 -14.60 16.33 42.38
CA GLY A 247 -15.16 15.81 43.61
C GLY A 247 -15.26 14.29 43.58
N ASN A 248 -16.31 13.76 44.22
CA ASN A 248 -16.52 12.32 44.43
C ASN A 248 -17.66 11.87 43.53
N ASP A 249 -18.89 12.16 43.93
CA ASP A 249 -20.11 11.77 43.22
C ASP A 249 -19.93 11.98 41.72
N MET A 250 -19.70 10.87 41.00
CA MET A 250 -19.41 10.94 39.57
C MET A 250 -20.71 11.16 38.81
N ASP A 251 -21.83 11.01 39.52
CA ASP A 251 -23.17 11.20 38.98
C ASP A 251 -23.36 12.64 38.50
N LYS A 252 -22.57 13.58 39.04
CA LYS A 252 -22.76 14.97 38.66
C LYS A 252 -22.45 15.13 37.17
N TYR A 253 -21.47 14.35 36.67
CA TYR A 253 -20.99 14.50 35.30
C TYR A 253 -21.45 13.34 34.41
N LYS A 254 -22.60 12.74 34.72
CA LYS A 254 -23.07 11.49 34.11
C LYS A 254 -23.28 11.66 32.62
N ASP A 255 -23.84 12.79 32.19
CA ASP A 255 -24.12 12.99 30.79
C ASP A 255 -22.83 12.95 29.97
N GLN A 256 -21.77 13.58 30.48
CA GLN A 256 -20.58 13.66 29.66
C GLN A 256 -19.70 12.43 29.81
N LEU A 257 -19.81 11.75 30.96
CA LEU A 257 -19.06 10.53 31.15
C LEU A 257 -19.59 9.50 30.16
N LYS A 258 -20.92 9.47 30.02
CA LYS A 258 -21.60 8.59 29.08
C LYS A 258 -21.04 8.85 27.69
N ASP A 259 -20.70 10.11 27.42
CA ASP A 259 -20.27 10.55 26.10
C ASP A 259 -18.88 10.02 25.78
N ILE A 260 -17.94 10.31 26.67
CA ILE A 260 -16.56 9.86 26.55
C ILE A 260 -16.57 8.35 26.34
N ALA A 261 -17.27 7.66 27.24
CA ALA A 261 -17.45 6.23 27.23
C ALA A 261 -17.98 5.77 25.87
N THR A 262 -19.01 6.45 25.36
CA THR A 262 -19.62 6.06 24.11
C THR A 262 -18.58 6.16 23.01
N GLU A 263 -17.80 7.25 23.03
CA GLU A 263 -16.81 7.50 22.00
C GLU A 263 -15.73 6.43 22.08
N THR A 264 -15.46 5.92 23.28
CA THR A 264 -14.44 4.89 23.45
C THR A 264 -14.86 3.63 22.71
N LYS A 265 -16.10 3.16 22.98
CA LYS A 265 -16.58 1.92 22.40
C LYS A 265 -16.59 2.01 20.88
N LEU A 266 -16.95 3.19 20.35
CA LEU A 266 -17.08 3.36 18.92
C LEU A 266 -15.75 3.20 18.24
N SER A 267 -14.66 3.05 19.01
CA SER A 267 -13.40 2.85 18.32
C SER A 267 -12.76 1.51 18.69
N ASP A 268 -13.53 0.60 19.28
CA ASP A 268 -12.99 -0.70 19.58
C ASP A 268 -13.25 -1.61 18.38
N ASN A 269 -12.26 -2.42 18.02
CA ASN A 269 -12.44 -3.24 16.84
C ASN A 269 -13.25 -4.46 17.22
N ALA A 270 -12.93 -5.04 18.40
CA ALA A 270 -13.75 -6.14 18.88
C ALA A 270 -15.22 -5.69 18.86
N PHE A 271 -15.50 -4.49 19.38
CA PHE A 271 -16.85 -3.93 19.34
C PHE A 271 -17.45 -3.84 17.93
N THR A 272 -16.85 -3.02 17.06
CA THR A 272 -17.41 -2.71 15.74
C THR A 272 -17.52 -3.98 14.90
N THR A 273 -16.50 -4.85 14.99
CA THR A 273 -16.54 -6.09 14.23
C THR A 273 -17.87 -6.80 14.52
N LYS A 274 -18.09 -7.06 15.83
CA LYS A 274 -19.28 -7.71 16.35
C LYS A 274 -20.53 -7.04 15.82
N VAL A 275 -20.62 -5.70 15.98
CA VAL A 275 -21.80 -4.95 15.59
C VAL A 275 -22.06 -5.12 14.09
N ILE A 276 -20.99 -5.00 13.27
CA ILE A 276 -21.14 -5.09 11.83
C ILE A 276 -21.61 -6.50 11.51
N GLY A 277 -20.97 -7.48 12.17
CA GLY A 277 -21.37 -8.88 12.10
C GLY A 277 -22.88 -9.02 12.24
N GLU A 278 -23.40 -8.60 13.41
CA GLU A 278 -24.81 -8.59 13.74
C GLU A 278 -25.68 -7.98 12.62
N GLU A 279 -25.32 -6.80 12.13
CA GLU A 279 -26.19 -6.11 11.19
C GLU A 279 -26.22 -6.78 9.82
N LEU A 280 -25.09 -7.36 9.39
CA LEU A 280 -25.11 -8.15 8.17
C LEU A 280 -26.04 -9.34 8.32
N LYS A 281 -25.92 -10.07 9.44
CA LYS A 281 -26.87 -11.12 9.78
C LYS A 281 -28.30 -10.57 9.66
N ASP A 282 -28.60 -9.48 10.35
CA ASP A 282 -29.93 -8.93 10.35
C ASP A 282 -30.42 -8.63 8.93
N ALA A 283 -29.52 -8.37 7.99
CA ALA A 283 -29.98 -7.82 6.72
C ALA A 283 -30.08 -8.93 5.68
N ASN A 284 -29.73 -10.16 6.11
CA ASN A 284 -29.65 -11.36 5.30
C ASN A 284 -28.88 -11.11 4.00
N VAL A 285 -27.59 -10.83 4.16
CA VAL A 285 -26.79 -10.47 3.00
C VAL A 285 -26.39 -11.74 2.26
N LYS A 286 -26.64 -11.74 0.94
CA LYS A 286 -26.35 -12.83 0.03
C LYS A 286 -25.47 -12.31 -1.10
N ILE A 287 -24.25 -12.87 -1.23
CA ILE A 287 -23.29 -12.48 -2.27
C ILE A 287 -23.59 -13.25 -3.55
N LYS A 288 -24.06 -12.52 -4.55
CA LYS A 288 -24.50 -13.11 -5.82
C LYS A 288 -23.34 -13.40 -6.79
N ASP A 289 -22.17 -12.78 -6.59
CA ASP A 289 -21.05 -13.02 -7.47
C ASP A 289 -19.99 -13.76 -6.69
N ASP A 290 -19.72 -15.02 -7.08
CA ASP A 290 -18.75 -15.90 -6.44
C ASP A 290 -17.41 -15.19 -6.21
N ALA A 291 -17.16 -14.06 -6.89
CA ALA A 291 -15.85 -13.42 -6.89
C ALA A 291 -15.61 -12.65 -5.59
N PHE A 292 -16.70 -12.45 -4.83
CA PHE A 292 -16.67 -11.67 -3.60
C PHE A 292 -17.23 -12.52 -2.47
N GLU A 293 -17.31 -13.83 -2.72
CA GLU A 293 -17.92 -14.77 -1.80
C GLU A 293 -17.29 -14.60 -0.43
N ASN A 294 -16.04 -14.07 -0.42
CA ASN A 294 -15.28 -14.09 0.81
C ASN A 294 -15.23 -12.72 1.49
N VAL A 295 -16.09 -11.82 1.03
CA VAL A 295 -15.91 -10.41 1.30
C VAL A 295 -16.37 -10.03 2.72
N LEU A 296 -17.21 -10.89 3.32
CA LEU A 296 -17.84 -10.61 4.61
C LEU A 296 -17.27 -11.51 5.70
N SER A 297 -16.24 -12.30 5.36
CA SER A 297 -15.85 -13.40 6.24
C SER A 297 -15.30 -12.86 7.55
N ALA A 298 -14.81 -11.62 7.55
CA ALA A 298 -14.20 -11.03 8.74
C ALA A 298 -15.24 -10.85 9.84
N PHE A 299 -16.53 -10.89 9.46
CA PHE A 299 -17.63 -10.59 10.36
C PHE A 299 -18.47 -11.85 10.63
N THR A 300 -18.25 -12.90 9.84
CA THR A 300 -18.96 -14.15 10.04
C THR A 300 -18.24 -15.04 11.06
N THR A 301 -18.38 -14.71 12.35
CA THR A 301 -17.86 -15.53 13.45
C THR A 301 -18.38 -16.96 13.30
N THR A 302 -17.47 -17.94 13.50
CA THR A 302 -17.79 -19.37 13.45
C THR A 302 -17.04 -20.09 14.57
N SER A 303 -16.94 -21.42 14.41
CA SER A 303 -16.36 -22.35 15.37
C SER A 303 -14.90 -21.97 15.66
N SER A 304 -14.53 -22.02 16.94
CA SER A 304 -13.15 -21.77 17.36
C SER A 304 -12.83 -22.57 18.61
N SER A 305 -12.21 -23.75 18.40
CA SER A 305 -11.82 -24.63 19.49
C SER A 305 -10.31 -24.87 19.44
N LYS B 32 -25.45 -8.83 -13.11
CA LYS B 32 -26.00 -7.55 -12.60
C LYS B 32 -25.88 -7.48 -11.07
N ASP B 33 -26.48 -8.41 -10.32
CA ASP B 33 -26.46 -8.27 -8.87
C ASP B 33 -25.22 -8.95 -8.29
N ILE B 34 -24.38 -8.16 -7.59
CA ILE B 34 -23.21 -8.63 -6.84
C ILE B 34 -23.66 -9.07 -5.46
N ALA B 35 -24.70 -8.45 -4.92
CA ALA B 35 -25.21 -8.88 -3.64
C ALA B 35 -26.57 -8.24 -3.42
N THR B 36 -27.29 -8.77 -2.45
CA THR B 36 -28.62 -8.33 -2.09
C THR B 36 -28.74 -8.41 -0.57
N MET B 37 -29.77 -7.73 -0.05
CA MET B 37 -30.05 -7.62 1.37
C MET B 37 -31.46 -7.07 1.52
N LYS B 38 -32.03 -7.18 2.73
CA LYS B 38 -33.35 -6.67 3.05
C LYS B 38 -33.42 -5.23 2.59
N GLY B 39 -34.31 -4.98 1.63
CA GLY B 39 -34.40 -3.72 0.92
C GLY B 39 -33.04 -3.27 0.40
N GLY B 40 -32.70 -3.65 -0.83
CA GLY B 40 -31.48 -3.11 -1.40
C GLY B 40 -30.69 -4.14 -2.18
N THR B 41 -30.06 -3.69 -3.26
CA THR B 41 -29.34 -4.54 -4.17
C THR B 41 -28.08 -3.80 -4.61
N ILE B 42 -26.94 -4.49 -4.75
CA ILE B 42 -25.74 -3.80 -5.21
C ILE B 42 -25.33 -4.40 -6.54
N THR B 43 -25.41 -3.60 -7.60
CA THR B 43 -25.18 -4.10 -8.94
C THR B 43 -23.74 -3.82 -9.36
N VAL B 44 -23.39 -4.39 -10.50
CA VAL B 44 -22.09 -4.14 -11.13
C VAL B 44 -22.03 -2.65 -11.45
N SER B 45 -23.17 -2.11 -11.81
CA SER B 45 -23.16 -0.71 -12.18
C SER B 45 -22.82 0.14 -10.96
N ASP B 46 -23.44 -0.19 -9.82
CA ASP B 46 -23.23 0.52 -8.56
C ASP B 46 -21.77 0.38 -8.16
N PHE B 47 -21.18 -0.77 -8.48
CA PHE B 47 -19.79 -1.06 -8.15
C PHE B 47 -18.87 -0.21 -9.03
N TYR B 48 -19.20 -0.19 -10.33
CA TYR B 48 -18.43 0.63 -11.24
C TYR B 48 -18.36 2.07 -10.72
N ASP B 49 -19.51 2.67 -10.42
CA ASP B 49 -19.52 4.11 -10.16
C ASP B 49 -18.60 4.46 -9.01
N GLU B 50 -18.30 3.48 -8.16
CA GLU B 50 -17.50 3.71 -6.98
C GLU B 50 -16.05 3.45 -7.34
N ALA B 51 -15.82 2.29 -7.98
CA ALA B 51 -14.48 1.82 -8.30
C ALA B 51 -13.74 2.79 -9.23
N LYS B 52 -14.45 3.33 -10.22
CA LYS B 52 -13.87 4.21 -11.21
C LYS B 52 -13.21 5.43 -10.57
N LEU B 53 -13.29 5.56 -9.25
CA LEU B 53 -12.69 6.73 -8.64
C LEU B 53 -11.34 6.34 -8.05
N GLU B 54 -11.34 5.18 -7.38
CA GLU B 54 -10.19 4.54 -6.79
C GLU B 54 -8.94 4.68 -7.67
N SER B 55 -7.82 5.06 -7.04
CA SER B 55 -6.54 5.13 -7.71
C SER B 55 -6.13 3.77 -8.31
N SER B 56 -6.23 2.69 -7.52
CA SER B 56 -5.90 1.35 -7.97
C SER B 56 -6.49 1.08 -9.34
N ASN B 57 -7.72 1.59 -9.56
CA ASN B 57 -8.45 1.32 -10.78
C ASN B 57 -8.04 2.30 -11.88
N GLN B 58 -7.46 3.45 -11.51
CA GLN B 58 -6.82 4.29 -12.52
C GLN B 58 -5.76 3.43 -13.24
N SER B 59 -4.76 2.97 -12.47
N SER B 59 -4.81 2.95 -12.42
CA SER B 59 -3.70 2.07 -12.90
CA SER B 59 -3.69 2.07 -12.75
C SER B 59 -4.24 0.89 -13.67
C SER B 59 -4.16 0.82 -13.49
N LEU B 60 -5.38 0.35 -13.22
CA LEU B 60 -5.89 -0.85 -13.85
C LEU B 60 -6.32 -0.54 -15.27
N VAL B 61 -7.07 0.54 -15.47
CA VAL B 61 -7.64 0.76 -16.78
C VAL B 61 -6.52 1.18 -17.72
N GLN B 62 -5.49 1.82 -17.16
CA GLN B 62 -4.28 2.11 -17.91
C GLN B 62 -3.73 0.81 -18.49
N ARG B 63 -3.41 -0.15 -17.61
CA ARG B 63 -2.80 -1.40 -18.05
C ARG B 63 -3.71 -2.09 -19.05
N MET B 64 -5.02 -1.99 -18.82
CA MET B 64 -5.97 -2.72 -19.63
C MET B 64 -5.94 -2.15 -21.04
N ILE B 65 -5.55 -0.88 -21.18
CA ILE B 65 -5.59 -0.21 -22.47
C ILE B 65 -4.33 -0.60 -23.25
N ILE B 66 -3.21 -0.52 -22.53
CA ILE B 66 -1.87 -0.85 -22.98
C ILE B 66 -1.85 -2.30 -23.45
N TYR B 67 -2.38 -3.20 -22.62
CA TYR B 67 -2.34 -4.60 -22.97
C TYR B 67 -3.10 -4.81 -24.27
N LYS B 68 -4.21 -4.08 -24.42
CA LYS B 68 -5.08 -4.36 -25.53
C LYS B 68 -4.38 -3.90 -26.80
N VAL B 69 -3.79 -2.72 -26.74
CA VAL B 69 -3.11 -2.13 -27.87
C VAL B 69 -1.95 -3.02 -28.35
N PHE B 70 -1.08 -3.44 -27.42
CA PHE B 70 0.04 -4.30 -27.76
C PHE B 70 -0.42 -5.67 -28.24
N ASN B 71 -1.58 -6.12 -27.79
CA ASN B 71 -2.05 -7.45 -28.13
C ASN B 71 -2.55 -7.44 -29.56
N ASN B 72 -3.13 -6.32 -29.95
CA ASN B 72 -3.69 -6.20 -31.29
C ASN B 72 -2.55 -6.06 -32.28
N LYS B 73 -1.40 -5.59 -31.80
CA LYS B 73 -0.30 -5.32 -32.70
C LYS B 73 0.72 -6.46 -32.63
N TYR B 74 1.15 -6.85 -31.44
CA TYR B 74 2.22 -7.81 -31.40
C TYR B 74 1.77 -9.21 -31.01
N GLY B 75 0.44 -9.41 -30.85
CA GLY B 75 -0.15 -10.63 -30.33
C GLY B 75 0.16 -11.85 -31.19
N ASP B 76 0.18 -11.65 -32.52
CA ASP B 76 0.53 -12.67 -33.50
C ASP B 76 1.95 -13.18 -33.28
N LYS B 77 2.80 -12.37 -32.64
CA LYS B 77 4.18 -12.75 -32.41
C LYS B 77 4.29 -13.71 -31.24
N VAL B 78 3.18 -13.92 -30.51
CA VAL B 78 3.23 -14.76 -29.33
C VAL B 78 2.39 -16.00 -29.59
N THR B 79 2.98 -17.18 -29.32
CA THR B 79 2.30 -18.44 -29.62
C THR B 79 1.75 -19.09 -28.35
N ASP B 80 0.71 -19.90 -28.52
CA ASP B 80 0.21 -20.69 -27.41
C ASP B 80 1.32 -21.52 -26.77
N LYS B 81 2.27 -21.95 -27.60
CA LYS B 81 3.35 -22.80 -27.12
C LYS B 81 4.16 -22.00 -26.10
N GLN B 82 4.39 -20.72 -26.42
CA GLN B 82 5.23 -19.89 -25.58
C GLN B 82 4.51 -19.52 -24.29
N VAL B 83 3.19 -19.35 -24.38
CA VAL B 83 2.36 -19.11 -23.22
C VAL B 83 2.47 -20.32 -22.30
N ASP B 84 2.10 -21.50 -22.82
CA ASP B 84 2.28 -22.79 -22.13
C ASP B 84 3.67 -22.85 -21.48
N ALA B 85 4.71 -22.63 -22.29
CA ALA B 85 6.09 -22.66 -21.83
C ALA B 85 6.27 -21.79 -20.59
N GLU B 86 5.78 -20.55 -20.66
CA GLU B 86 5.99 -19.60 -19.59
C GLU B 86 5.18 -20.02 -18.37
N TYR B 87 3.96 -20.52 -18.59
CA TYR B 87 3.16 -21.02 -17.49
C TYR B 87 3.92 -22.13 -16.77
N ASP B 88 4.30 -23.19 -17.50
CA ASP B 88 5.04 -24.34 -17.04
C ASP B 88 6.26 -23.89 -16.22
N LYS B 89 7.15 -23.09 -16.84
CA LYS B 89 8.32 -22.53 -16.20
C LYS B 89 8.03 -22.10 -14.76
N GLN B 90 7.11 -21.13 -14.61
CA GLN B 90 6.82 -20.49 -13.33
C GLN B 90 6.16 -21.44 -12.35
N ALA B 91 5.44 -22.44 -12.88
CA ALA B 91 4.66 -23.38 -12.08
C ALA B 91 5.61 -24.29 -11.30
N LYS B 92 6.59 -24.89 -11.99
CA LYS B 92 7.54 -25.78 -11.33
C LYS B 92 8.41 -24.95 -10.38
N SER B 93 8.49 -23.66 -10.66
CA SER B 93 9.34 -22.74 -9.90
C SER B 93 8.58 -22.10 -8.75
N LEU B 94 7.49 -22.74 -8.26
CA LEU B 94 6.58 -22.11 -7.32
C LEU B 94 5.77 -23.11 -6.51
N GLY B 95 6.03 -24.40 -6.71
CA GLY B 95 5.54 -25.44 -5.80
C GLY B 95 4.39 -26.24 -6.41
N ASP B 96 4.00 -27.32 -5.70
CA ASP B 96 2.85 -28.14 -6.05
C ASP B 96 1.58 -27.38 -5.66
N THR B 97 1.77 -26.31 -4.88
CA THR B 97 0.70 -25.48 -4.35
C THR B 97 0.26 -24.38 -5.33
N PHE B 98 1.05 -24.11 -6.37
CA PHE B 98 0.80 -23.04 -7.34
C PHE B 98 -0.68 -23.01 -7.76
N GLU B 99 -1.17 -24.16 -8.25
CA GLU B 99 -2.54 -24.39 -8.68
C GLU B 99 -3.50 -23.65 -7.75
N SER B 100 -3.25 -23.78 -6.45
CA SER B 100 -4.14 -23.28 -5.40
C SER B 100 -3.71 -21.89 -4.93
N GLN B 101 -2.48 -21.46 -5.29
CA GLN B 101 -1.98 -20.14 -4.94
C GLN B 101 -2.59 -19.11 -5.89
N LEU B 102 -3.14 -19.60 -7.01
CA LEU B 102 -3.81 -18.79 -8.01
C LEU B 102 -5.27 -18.55 -7.64
N GLU B 103 -5.94 -19.55 -7.07
CA GLU B 103 -7.24 -19.39 -6.41
C GLU B 103 -7.16 -18.25 -5.39
N ALA B 104 -6.03 -18.20 -4.68
CA ALA B 104 -5.74 -17.20 -3.67
C ALA B 104 -5.59 -15.82 -4.30
N ALA B 105 -4.96 -15.76 -5.49
CA ALA B 105 -4.74 -14.52 -6.23
C ALA B 105 -5.93 -14.20 -7.15
N GLY B 106 -7.04 -14.94 -6.97
CA GLY B 106 -8.28 -14.75 -7.72
C GLY B 106 -8.27 -15.29 -9.15
N TYR B 107 -7.14 -15.84 -9.61
CA TYR B 107 -6.95 -16.31 -10.98
C TYR B 107 -7.34 -17.78 -11.13
N THR B 108 -7.72 -18.16 -12.36
CA THR B 108 -7.79 -19.55 -12.79
C THR B 108 -6.47 -19.88 -13.47
N LYS B 109 -6.41 -21.07 -14.12
CA LYS B 109 -5.29 -21.46 -14.96
C LYS B 109 -5.42 -20.69 -16.27
N ASP B 110 -6.60 -20.83 -16.91
CA ASP B 110 -6.85 -20.22 -18.20
C ASP B 110 -6.77 -18.71 -18.12
N THR B 111 -6.87 -18.14 -16.92
CA THR B 111 -6.85 -16.70 -16.82
C THR B 111 -5.49 -16.22 -16.35
N TYR B 112 -4.66 -17.15 -15.84
CA TYR B 112 -3.31 -16.73 -15.51
C TYR B 112 -2.48 -16.78 -16.78
N LYS B 113 -2.86 -17.70 -17.67
CA LYS B 113 -2.36 -17.72 -19.03
C LYS B 113 -2.67 -16.39 -19.73
N GLU B 114 -3.89 -15.86 -19.55
CA GLU B 114 -4.28 -14.63 -20.22
C GLU B 114 -3.34 -13.51 -19.79
N TYR B 115 -2.96 -13.52 -18.51
CA TYR B 115 -1.98 -12.56 -18.04
C TYR B 115 -0.63 -12.82 -18.70
N ILE B 116 -0.22 -14.08 -18.81
CA ILE B 116 1.06 -14.40 -19.42
C ILE B 116 1.08 -13.94 -20.89
N ARG B 117 -0.05 -14.14 -21.57
N ARG B 117 0.01 -14.24 -21.62
CA ARG B 117 -0.19 -13.79 -22.97
CA ARG B 117 -0.03 -13.73 -22.98
C ARG B 117 -0.16 -12.27 -23.15
C ARG B 117 0.20 -12.22 -22.94
N ASN B 118 -0.58 -11.53 -22.12
CA ASN B 118 -0.56 -10.08 -22.14
C ASN B 118 0.85 -9.58 -21.99
N ASN B 119 1.62 -10.18 -21.06
CA ASN B 119 2.99 -9.75 -20.86
C ASN B 119 3.88 -10.12 -22.04
N LEU B 120 3.58 -11.25 -22.68
CA LEU B 120 4.46 -11.64 -23.76
C LEU B 120 4.27 -10.72 -24.95
N ALA B 121 3.01 -10.40 -25.27
CA ALA B 121 2.76 -9.51 -26.39
C ALA B 121 3.29 -8.12 -26.08
N PHE B 122 3.20 -7.70 -24.82
CA PHE B 122 3.81 -6.45 -24.39
C PHE B 122 5.29 -6.44 -24.73
N GLU B 123 6.04 -7.42 -24.23
CA GLU B 123 7.48 -7.44 -24.43
C GLU B 123 7.85 -7.60 -25.90
N ALA B 124 7.01 -8.32 -26.65
CA ALA B 124 7.18 -8.44 -28.09
C ALA B 124 7.27 -7.04 -28.67
N GLY B 125 6.23 -6.23 -28.43
CA GLY B 125 6.14 -4.82 -28.78
C GLY B 125 7.39 -4.02 -28.42
N LEU B 126 7.83 -4.09 -27.17
CA LEU B 126 9.02 -3.36 -26.76
C LEU B 126 10.18 -3.79 -27.62
N LYS B 127 10.37 -5.12 -27.74
CA LYS B 127 11.45 -5.69 -28.54
C LYS B 127 11.48 -5.12 -29.96
N ALA B 128 10.29 -4.94 -30.55
CA ALA B 128 10.10 -4.47 -31.91
C ALA B 128 10.60 -3.03 -32.08
N HIS B 129 10.83 -2.33 -30.96
CA HIS B 129 11.36 -0.98 -31.00
C HIS B 129 12.82 -0.94 -30.56
N VAL B 130 13.53 -2.07 -30.54
CA VAL B 130 14.91 -1.99 -30.08
C VAL B 130 15.81 -1.83 -31.30
N ASP B 131 16.71 -0.84 -31.30
CA ASP B 131 17.72 -0.69 -32.32
C ASP B 131 19.03 -0.49 -31.58
N ILE B 132 19.82 -1.57 -31.44
CA ILE B 132 21.03 -1.66 -30.64
C ILE B 132 22.14 -0.82 -31.26
N THR B 133 23.01 -0.22 -30.44
CA THR B 133 24.09 0.65 -30.91
C THR B 133 25.44 0.00 -30.59
N ASP B 134 26.49 0.44 -31.27
CA ASP B 134 27.84 0.00 -30.94
C ASP B 134 28.16 0.24 -29.47
N ASP B 135 27.57 1.26 -28.86
CA ASP B 135 27.72 1.51 -27.44
C ASP B 135 27.05 0.42 -26.60
N ASP B 136 25.79 0.10 -26.94
CA ASP B 136 25.00 -0.90 -26.26
C ASP B 136 25.78 -2.22 -26.18
N LEU B 137 26.39 -2.59 -27.31
CA LEU B 137 27.16 -3.81 -27.41
C LEU B 137 28.34 -3.73 -26.46
N LYS B 138 29.13 -2.65 -26.58
CA LYS B 138 30.31 -2.42 -25.75
C LYS B 138 29.95 -2.57 -24.27
N THR B 139 28.75 -2.15 -23.85
CA THR B 139 28.40 -2.21 -22.43
C THR B 139 28.18 -3.66 -22.00
N ALA B 140 27.53 -4.44 -22.89
CA ALA B 140 27.20 -5.84 -22.72
C ALA B 140 28.50 -6.62 -22.57
N TRP B 141 29.42 -6.34 -23.49
CA TRP B 141 30.73 -6.95 -23.56
C TRP B 141 31.44 -6.77 -22.24
N LYS B 142 31.46 -5.52 -21.76
CA LYS B 142 32.37 -5.13 -20.72
C LYS B 142 32.21 -6.08 -19.54
N SER B 143 31.00 -6.60 -19.36
CA SER B 143 30.75 -7.52 -18.27
C SER B 143 30.18 -8.85 -18.76
N PHE B 144 30.53 -9.25 -19.99
CA PHE B 144 30.11 -10.55 -20.47
C PHE B 144 31.16 -11.61 -20.15
N HIS B 145 30.69 -12.82 -19.87
CA HIS B 145 31.57 -13.99 -19.82
C HIS B 145 30.95 -15.12 -20.66
N PRO B 146 31.74 -15.74 -21.56
CA PRO B 146 31.22 -16.88 -22.33
C PRO B 146 30.99 -18.13 -21.48
N GLU B 147 30.39 -19.15 -22.10
CA GLU B 147 29.94 -20.38 -21.45
C GLU B 147 31.12 -21.17 -20.90
N VAL B 148 30.97 -21.65 -19.66
CA VAL B 148 31.96 -22.48 -19.00
C VAL B 148 31.32 -23.79 -18.55
N GLU B 149 32.13 -24.85 -18.47
CA GLU B 149 31.77 -26.10 -17.83
C GLU B 149 32.37 -26.08 -16.43
N ALA B 150 31.53 -26.43 -15.46
CA ALA B 150 31.94 -26.48 -14.07
C ALA B 150 31.12 -27.54 -13.33
N GLN B 151 31.51 -27.82 -12.08
CA GLN B 151 30.79 -28.68 -11.17
C GLN B 151 30.46 -27.89 -9.90
N ILE B 152 29.22 -28.05 -9.40
CA ILE B 152 28.77 -27.33 -8.22
C ILE B 152 28.23 -28.30 -7.18
N ILE B 153 28.68 -28.10 -5.92
CA ILE B 153 28.05 -28.65 -4.73
C ILE B 153 27.38 -27.51 -3.97
N LYS B 154 26.12 -27.71 -3.59
CA LYS B 154 25.35 -26.73 -2.83
C LYS B 154 25.03 -27.34 -1.46
N LEU B 155 25.22 -26.54 -0.41
CA LEU B 155 25.00 -27.00 0.95
C LEU B 155 24.13 -25.98 1.67
N SER B 156 23.47 -26.44 2.75
N SER B 156 23.46 -26.43 2.75
CA SER B 156 22.52 -25.61 3.49
CA SER B 156 22.54 -25.58 3.50
C SER B 156 23.22 -24.99 4.70
C SER B 156 23.26 -24.92 4.67
N SER B 157 24.38 -25.53 5.06
CA SER B 157 25.15 -25.11 6.21
C SER B 157 26.42 -24.40 5.74
N GLU B 158 27.09 -23.71 6.68
CA GLU B 158 28.38 -23.10 6.41
C GLU B 158 29.50 -24.08 6.76
N ASP B 159 29.37 -24.78 7.91
CA ASP B 159 30.33 -25.83 8.25
C ASP B 159 30.33 -26.85 7.11
N GLU B 160 29.13 -27.26 6.70
CA GLU B 160 29.01 -28.34 5.73
C GLU B 160 29.85 -28.05 4.50
N ALA B 161 29.81 -26.80 4.03
CA ALA B 161 30.59 -26.40 2.88
C ALA B 161 32.06 -26.21 3.20
N LYS B 162 32.37 -25.74 4.41
CA LYS B 162 33.76 -25.59 4.86
C LYS B 162 34.41 -26.97 4.85
N ASP B 163 33.69 -27.93 5.43
CA ASP B 163 34.09 -29.33 5.57
C ASP B 163 34.31 -29.89 4.14
N VAL B 164 33.41 -29.55 3.20
CA VAL B 164 33.48 -30.07 1.84
C VAL B 164 34.76 -29.60 1.14
N LYS B 165 35.10 -28.31 1.33
CA LYS B 165 36.19 -27.71 0.59
C LYS B 165 37.51 -28.36 1.00
N LYS B 166 37.63 -28.71 2.30
CA LYS B 166 38.80 -29.42 2.79
C LYS B 166 38.91 -30.78 2.11
N SER B 167 37.75 -31.46 1.97
CA SER B 167 37.66 -32.75 1.29
C SER B 167 38.25 -32.64 -0.10
N ALA B 168 37.69 -31.73 -0.91
CA ALA B 168 38.14 -31.47 -2.26
C ALA B 168 39.63 -31.10 -2.26
N ASP B 169 40.08 -30.37 -1.23
CA ASP B 169 41.48 -30.04 -1.06
C ASP B 169 42.29 -31.35 -0.99
N ASP B 170 41.90 -32.23 -0.06
CA ASP B 170 42.54 -33.53 0.12
C ASP B 170 42.66 -34.25 -1.23
N GLY B 171 41.50 -34.47 -1.87
CA GLY B 171 41.47 -34.95 -3.25
C GLY B 171 40.32 -35.92 -3.52
N ASP B 172 39.37 -36.07 -2.58
CA ASP B 172 38.12 -36.75 -2.87
C ASP B 172 37.69 -36.38 -4.29
N ASP B 173 37.10 -37.33 -5.02
CA ASP B 173 36.66 -37.03 -6.37
C ASP B 173 35.54 -35.99 -6.27
N PHE B 174 35.59 -34.98 -7.14
CA PHE B 174 34.60 -33.92 -7.05
C PHE B 174 33.23 -34.56 -7.22
N SER B 175 33.04 -35.22 -8.36
CA SER B 175 31.76 -35.85 -8.70
C SER B 175 31.21 -36.71 -7.54
N LYS B 176 32.11 -37.37 -6.79
CA LYS B 176 31.75 -38.22 -5.66
C LYS B 176 31.15 -37.38 -4.54
N LEU B 177 31.87 -36.33 -4.11
CA LEU B 177 31.39 -35.35 -3.13
C LEU B 177 30.07 -34.75 -3.60
N ALA B 178 29.98 -34.44 -4.89
CA ALA B 178 28.76 -33.85 -5.43
C ALA B 178 27.59 -34.83 -5.26
N LYS B 179 27.82 -36.10 -5.63
CA LYS B 179 26.82 -37.16 -5.59
C LYS B 179 26.35 -37.38 -4.15
N ASP B 180 27.30 -37.42 -3.21
CA ASP B 180 27.06 -37.68 -1.81
C ASP B 180 26.36 -36.51 -1.09
N LYS B 181 26.54 -35.26 -1.55
CA LYS B 181 26.33 -34.10 -0.68
C LYS B 181 25.47 -32.99 -1.31
N SER B 182 25.83 -32.51 -2.51
CA SER B 182 25.12 -31.40 -3.14
C SER B 182 23.61 -31.54 -2.95
N THR B 183 22.97 -30.45 -2.50
CA THR B 183 21.52 -30.46 -2.27
C THR B 183 20.78 -29.92 -3.49
N ASP B 184 21.51 -29.62 -4.58
CA ASP B 184 20.91 -29.21 -5.84
C ASP B 184 20.53 -30.47 -6.61
N THR B 185 19.33 -31.00 -6.34
CA THR B 185 18.94 -32.31 -6.84
C THR B 185 18.89 -32.27 -8.36
N GLU B 186 18.74 -31.05 -8.88
CA GLU B 186 18.90 -30.76 -10.29
C GLU B 186 20.15 -31.45 -10.84
N THR B 187 21.33 -31.16 -10.24
CA THR B 187 22.63 -31.45 -10.82
C THR B 187 23.32 -32.60 -10.10
N LYS B 188 22.77 -33.05 -8.96
CA LYS B 188 23.50 -33.83 -7.98
C LYS B 188 23.88 -35.21 -8.52
N GLU B 189 23.03 -35.78 -9.37
CA GLU B 189 23.21 -37.15 -9.83
C GLU B 189 24.26 -37.19 -10.95
N ASP B 190 24.59 -36.03 -11.50
CA ASP B 190 25.43 -35.91 -12.69
C ASP B 190 26.87 -35.55 -12.29
N GLY B 191 27.14 -35.52 -10.98
CA GLY B 191 28.43 -35.08 -10.47
C GLY B 191 28.49 -33.56 -10.35
N GLY B 192 27.34 -32.91 -10.28
CA GLY B 192 27.25 -31.47 -10.15
C GLY B 192 27.65 -30.72 -11.43
N LYS B 193 27.56 -31.39 -12.57
CA LYS B 193 27.92 -30.74 -13.82
C LYS B 193 26.85 -29.73 -14.20
N VAL B 194 27.28 -28.47 -14.41
CA VAL B 194 26.49 -27.36 -14.91
C VAL B 194 27.28 -26.70 -16.04
N LYS B 195 26.54 -26.15 -17.01
CA LYS B 195 27.15 -25.29 -18.01
C LYS B 195 26.47 -23.91 -17.90
N PHE B 196 27.23 -22.82 -18.01
CA PHE B 196 26.63 -21.50 -17.87
C PHE B 196 27.52 -20.40 -18.44
N ASP B 197 26.94 -19.21 -18.65
CA ASP B 197 27.67 -18.02 -19.03
C ASP B 197 27.26 -16.87 -18.10
N SER B 198 27.63 -15.62 -18.47
CA SER B 198 27.38 -14.46 -17.64
C SER B 198 25.88 -14.23 -17.46
N THR B 199 25.07 -14.75 -18.40
CA THR B 199 23.65 -14.42 -18.47
C THR B 199 22.81 -15.47 -17.75
N THR B 200 23.42 -16.58 -17.34
CA THR B 200 22.65 -17.69 -16.82
C THR B 200 21.94 -17.26 -15.54
N THR B 201 20.61 -17.38 -15.58
CA THR B 201 19.72 -16.85 -14.54
C THR B 201 19.63 -17.80 -13.35
N THR B 202 19.67 -19.11 -13.60
CA THR B 202 19.42 -20.11 -12.57
C THR B 202 20.61 -20.17 -11.60
N ILE B 203 21.67 -19.43 -11.93
CA ILE B 203 22.91 -19.54 -11.16
C ILE B 203 23.18 -18.22 -10.46
N PRO B 204 23.36 -18.25 -9.12
CA PRO B 204 23.65 -17.04 -8.35
C PRO B 204 24.85 -16.24 -8.82
N ALA B 205 24.71 -14.91 -8.73
CA ALA B 205 25.68 -13.93 -9.19
C ALA B 205 27.01 -14.08 -8.46
N GLU B 206 26.93 -14.42 -7.16
CA GLU B 206 28.12 -14.52 -6.34
C GLU B 206 28.93 -15.75 -6.78
N VAL B 207 28.22 -16.69 -7.43
CA VAL B 207 28.75 -17.95 -7.92
C VAL B 207 29.46 -17.72 -9.25
N LYS B 208 28.76 -17.09 -10.19
CA LYS B 208 29.34 -16.72 -11.47
C LYS B 208 30.62 -15.92 -11.24
N GLU B 209 30.56 -15.04 -10.22
CA GLU B 209 31.63 -14.10 -9.88
C GLU B 209 32.88 -14.91 -9.53
N ALA B 210 32.72 -15.84 -8.59
CA ALA B 210 33.84 -16.61 -8.08
C ALA B 210 34.35 -17.56 -9.16
N ALA B 211 33.39 -18.16 -9.89
CA ALA B 211 33.67 -19.26 -10.79
C ALA B 211 34.59 -18.82 -11.92
N PHE B 212 34.29 -17.67 -12.51
CA PHE B 212 34.92 -17.23 -13.75
C PHE B 212 36.40 -16.93 -13.52
N LYS B 213 36.73 -16.59 -12.26
CA LYS B 213 38.10 -16.33 -11.85
C LYS B 213 39.00 -17.57 -11.99
N LEU B 214 38.42 -18.78 -11.78
CA LEU B 214 39.12 -20.04 -11.59
C LEU B 214 39.78 -20.51 -12.89
N LYS B 215 40.99 -21.09 -12.77
CA LYS B 215 41.66 -21.83 -13.85
C LYS B 215 41.09 -23.25 -13.91
N ASP B 216 41.45 -24.02 -14.95
CA ASP B 216 40.85 -25.33 -15.15
C ASP B 216 41.28 -26.33 -14.06
N GLY B 217 40.29 -26.97 -13.44
CA GLY B 217 40.53 -27.95 -12.39
C GLY B 217 40.73 -27.29 -11.03
N GLU B 218 40.53 -25.97 -10.95
CA GLU B 218 40.70 -25.26 -9.69
C GLU B 218 39.37 -25.25 -8.95
N ILE B 219 39.41 -25.38 -7.62
CA ILE B 219 38.22 -25.46 -6.79
C ILE B 219 38.05 -24.14 -6.06
N SER B 220 36.81 -23.65 -6.01
CA SER B 220 36.50 -22.34 -5.45
C SER B 220 36.81 -22.33 -3.95
N ASP B 221 36.66 -21.17 -3.32
CA ASP B 221 36.45 -21.13 -1.87
C ASP B 221 34.96 -21.32 -1.61
N VAL B 222 34.59 -21.33 -0.34
CA VAL B 222 33.17 -21.36 -0.03
C VAL B 222 32.55 -20.05 -0.51
N ILE B 223 31.26 -20.08 -0.83
CA ILE B 223 30.59 -18.93 -1.42
C ILE B 223 29.22 -18.78 -0.78
N THR B 224 29.04 -17.69 -0.01
CA THR B 224 27.76 -17.32 0.56
C THR B 224 26.96 -16.56 -0.49
N THR B 225 25.62 -16.67 -0.45
CA THR B 225 24.78 -16.05 -1.47
C THR B 225 23.35 -15.85 -0.99
N THR B 226 22.56 -15.20 -1.85
CA THR B 226 21.10 -15.17 -1.77
C THR B 226 20.51 -15.64 -3.09
N ASN B 227 19.38 -16.38 -3.03
CA ASN B 227 18.69 -16.91 -4.19
C ASN B 227 17.48 -16.03 -4.51
N PRO B 228 16.67 -16.37 -5.56
CA PRO B 228 15.45 -15.61 -5.89
C PRO B 228 14.34 -15.66 -4.84
N THR B 229 14.43 -16.64 -3.93
CA THR B 229 13.51 -16.83 -2.81
C THR B 229 13.11 -15.47 -2.24
N SER B 230 14.07 -14.83 -1.54
CA SER B 230 13.98 -13.56 -0.84
C SER B 230 14.76 -13.59 0.48
N TYR B 231 15.31 -14.78 0.82
CA TYR B 231 16.06 -14.97 2.06
C TYR B 231 17.01 -16.16 1.94
N ALA B 232 17.05 -16.76 0.74
CA ALA B 232 17.71 -18.04 0.51
C ALA B 232 19.23 -17.89 0.61
N THR B 233 19.77 -18.07 1.83
CA THR B 233 21.18 -17.83 2.12
C THR B 233 22.02 -19.10 1.96
N GLU B 234 22.26 -19.49 0.70
CA GLU B 234 22.89 -20.76 0.37
C GLU B 234 24.42 -20.62 0.31
N TYR B 235 25.10 -21.77 0.40
CA TYR B 235 26.55 -21.87 0.32
C TYR B 235 26.92 -22.82 -0.80
N TYR B 236 28.11 -22.65 -1.37
CA TYR B 236 28.42 -23.35 -2.60
C TYR B 236 29.92 -23.57 -2.73
N VAL B 237 30.28 -24.73 -3.27
CA VAL B 237 31.64 -24.98 -3.71
C VAL B 237 31.64 -25.32 -5.20
N VAL B 238 32.69 -24.89 -5.89
CA VAL B 238 32.71 -24.93 -7.35
C VAL B 238 34.08 -25.42 -7.81
N LYS B 239 34.04 -26.30 -8.82
CA LYS B 239 35.23 -26.80 -9.47
C LYS B 239 35.19 -26.35 -10.92
N MET B 240 36.31 -25.81 -11.41
CA MET B 240 36.24 -25.33 -12.77
C MET B 240 36.59 -26.48 -13.70
N VAL B 241 35.70 -26.76 -14.66
CA VAL B 241 36.03 -27.80 -15.61
C VAL B 241 36.61 -27.12 -16.84
N LYS B 242 35.81 -26.31 -17.53
CA LYS B 242 36.30 -25.66 -18.73
C LYS B 242 35.93 -24.17 -18.73
N ASN B 243 36.88 -23.35 -18.28
CA ASN B 243 36.79 -21.90 -18.37
C ASN B 243 37.01 -21.49 -19.84
N GLN B 244 36.47 -20.32 -20.22
CA GLN B 244 36.68 -19.79 -21.56
C GLN B 244 36.95 -18.29 -21.47
N ASN B 245 38.06 -17.88 -22.10
CA ASN B 245 38.45 -16.49 -22.19
C ASN B 245 37.76 -15.88 -23.42
N LYS B 246 37.40 -14.59 -23.34
CA LYS B 246 36.51 -13.99 -24.33
C LYS B 246 37.32 -13.31 -25.44
N GLY B 247 38.57 -12.94 -25.13
CA GLY B 247 39.44 -12.36 -26.13
C GLY B 247 39.13 -10.88 -26.38
N ASN B 248 39.40 -10.42 -27.60
CA ASN B 248 39.32 -9.01 -27.99
C ASN B 248 38.13 -8.81 -28.91
N ASP B 249 38.30 -9.07 -30.22
CA ASP B 249 37.26 -8.82 -31.21
C ASP B 249 35.92 -9.35 -30.70
N MET B 250 35.05 -8.43 -30.27
CA MET B 250 33.81 -8.77 -29.58
C MET B 250 32.81 -9.36 -30.57
N ASP B 251 33.16 -9.29 -31.85
CA ASP B 251 32.35 -9.79 -32.94
C ASP B 251 32.15 -11.30 -32.81
N LYS B 252 33.05 -11.99 -32.10
CA LYS B 252 32.91 -13.42 -31.95
C LYS B 252 31.59 -13.76 -31.26
N TYR B 253 31.18 -12.92 -30.29
CA TYR B 253 29.99 -13.21 -29.47
C TYR B 253 28.84 -12.25 -29.79
N LYS B 254 28.76 -11.79 -31.04
CA LYS B 254 27.90 -10.68 -31.43
C LYS B 254 26.41 -11.05 -31.33
N ASP B 255 26.08 -12.31 -31.62
CA ASP B 255 24.69 -12.74 -31.57
C ASP B 255 24.18 -12.64 -30.13
N GLN B 256 25.02 -12.99 -29.15
CA GLN B 256 24.48 -13.00 -27.80
C GLN B 256 24.61 -11.62 -27.15
N LEU B 257 25.59 -10.83 -27.61
CA LEU B 257 25.71 -9.48 -27.09
C LEU B 257 24.47 -8.70 -27.47
N LYS B 258 23.99 -8.92 -28.71
CA LYS B 258 22.77 -8.32 -29.22
C LYS B 258 21.62 -8.59 -28.24
N ASP B 259 21.62 -9.82 -27.72
CA ASP B 259 20.57 -10.32 -26.86
C ASP B 259 20.55 -9.62 -25.52
N ILE B 260 21.69 -9.67 -24.84
CA ILE B 260 21.86 -9.09 -23.52
C ILE B 260 21.45 -7.63 -23.61
N ALA B 261 22.02 -6.94 -24.60
CA ALA B 261 21.75 -5.55 -24.90
C ALA B 261 20.24 -5.33 -25.06
N THR B 262 19.55 -6.21 -25.80
CA THR B 262 18.13 -6.05 -26.02
C THR B 262 17.40 -6.13 -24.68
N GLU B 263 17.82 -7.09 -23.85
CA GLU B 263 17.19 -7.32 -22.56
C GLU B 263 17.39 -6.08 -21.67
N THR B 264 18.52 -5.39 -21.85
CA THR B 264 18.82 -4.23 -21.03
C THR B 264 17.80 -3.14 -21.33
N LYS B 265 17.62 -2.84 -22.62
CA LYS B 265 16.75 -1.76 -23.04
C LYS B 265 15.33 -2.02 -22.56
N LEU B 266 14.90 -3.29 -22.62
CA LEU B 266 13.54 -3.65 -22.24
C LEU B 266 13.29 -3.35 -20.77
N SER B 267 14.31 -2.90 -20.04
CA SER B 267 14.06 -2.61 -18.64
C SER B 267 14.25 -1.13 -18.33
N ASP B 268 14.48 -0.29 -19.35
CA ASP B 268 14.54 1.14 -19.08
C ASP B 268 13.14 1.71 -19.09
N ASN B 269 12.89 2.64 -18.17
CA ASN B 269 11.56 3.23 -18.15
C ASN B 269 11.55 4.35 -19.16
N ALA B 270 12.67 5.08 -19.29
CA ALA B 270 12.71 6.06 -20.36
C ALA B 270 12.35 5.38 -21.69
N PHE B 271 12.94 4.21 -21.96
CA PHE B 271 12.66 3.44 -23.15
C PHE B 271 11.18 3.06 -23.28
N THR B 272 10.69 2.24 -22.33
CA THR B 272 9.35 1.69 -22.44
C THR B 272 8.28 2.79 -22.41
N THR B 273 8.50 3.85 -21.62
CA THR B 273 7.55 4.96 -21.58
C THR B 273 7.32 5.43 -23.01
N LYS B 274 8.42 5.79 -23.67
CA LYS B 274 8.47 6.26 -25.04
C LYS B 274 7.72 5.31 -25.97
N VAL B 275 8.09 4.02 -25.90
CA VAL B 275 7.49 3.00 -26.75
C VAL B 275 5.98 2.95 -26.54
N ILE B 276 5.55 2.93 -25.28
CA ILE B 276 4.14 2.80 -24.96
C ILE B 276 3.43 4.04 -25.50
N GLY B 277 4.07 5.20 -25.29
CA GLY B 277 3.63 6.48 -25.83
C GLY B 277 3.29 6.33 -27.30
N GLU B 278 4.32 5.96 -28.10
CA GLU B 278 4.19 5.76 -29.53
C GLU B 278 2.98 4.89 -29.88
N GLU B 279 2.87 3.71 -29.23
CA GLU B 279 1.85 2.74 -29.61
C GLU B 279 0.43 3.20 -29.31
N LEU B 280 0.26 3.93 -28.21
CA LEU B 280 -1.05 4.51 -27.91
C LEU B 280 -1.46 5.50 -28.99
N LYS B 281 -0.52 6.39 -29.35
CA LYS B 281 -0.74 7.28 -30.49
C LYS B 281 -1.14 6.45 -31.70
N ASP B 282 -0.32 5.45 -32.06
CA ASP B 282 -0.58 4.64 -33.24
C ASP B 282 -1.97 4.02 -33.20
N ALA B 283 -2.56 3.79 -32.03
CA ALA B 283 -3.75 2.96 -32.01
C ALA B 283 -4.99 3.84 -31.86
N ASN B 284 -4.75 5.16 -31.80
CA ASN B 284 -5.74 6.20 -31.64
C ASN B 284 -6.66 5.93 -30.45
N VAL B 285 -6.08 5.97 -29.25
CA VAL B 285 -6.85 5.63 -28.07
C VAL B 285 -7.68 6.83 -27.65
N LYS B 286 -8.98 6.58 -27.44
CA LYS B 286 -9.96 7.58 -27.04
C LYS B 286 -10.65 7.12 -25.74
N ILE B 287 -10.48 7.92 -24.67
CA ILE B 287 -11.11 7.65 -23.38
C ILE B 287 -12.54 8.22 -23.37
N LYS B 288 -13.50 7.31 -23.38
CA LYS B 288 -14.92 7.61 -23.42
C LYS B 288 -15.49 8.01 -22.05
N ASP B 289 -14.84 7.62 -20.95
CA ASP B 289 -15.36 7.93 -19.62
C ASP B 289 -14.47 8.97 -18.97
N ASP B 290 -15.00 10.18 -18.76
CA ASP B 290 -14.37 11.31 -18.09
C ASP B 290 -13.55 10.89 -16.86
N ALA B 291 -13.88 9.72 -16.28
CA ALA B 291 -13.35 9.30 -14.98
C ALA B 291 -11.90 8.83 -15.11
N PHE B 292 -11.50 8.56 -16.35
CA PHE B 292 -10.20 7.98 -16.65
C PHE B 292 -9.52 8.85 -17.67
N GLU B 293 -10.05 10.08 -17.86
CA GLU B 293 -9.59 10.99 -18.89
C GLU B 293 -8.08 11.17 -18.71
N ASN B 294 -7.58 10.89 -17.50
CA ASN B 294 -6.22 11.24 -17.17
C ASN B 294 -5.29 10.03 -17.22
N VAL B 295 -5.79 8.90 -17.73
CA VAL B 295 -5.20 7.62 -17.40
C VAL B 295 -3.92 7.35 -18.20
N LEU B 296 -3.76 8.06 -19.34
CA LEU B 296 -2.70 7.79 -20.29
C LEU B 296 -1.71 8.93 -20.30
N SER B 297 -1.89 9.90 -19.40
CA SER B 297 -1.20 11.16 -19.56
C SER B 297 0.31 10.99 -19.36
N ALA B 298 0.68 9.92 -18.65
CA ALA B 298 2.08 9.61 -18.37
C ALA B 298 2.87 9.35 -19.65
N PHE B 299 2.15 9.06 -20.74
CA PHE B 299 2.78 8.65 -21.98
C PHE B 299 2.63 9.72 -23.06
N THR B 300 1.45 10.32 -23.16
CA THR B 300 1.13 11.25 -24.23
C THR B 300 1.49 12.68 -23.79
N THR B 301 2.79 12.99 -23.78
CA THR B 301 3.33 14.19 -23.13
C THR B 301 4.73 14.50 -23.65
N THR B 302 5.29 15.62 -23.17
CA THR B 302 6.63 16.08 -23.52
C THR B 302 7.45 16.26 -22.24
C1 GOL C . -15.94 2.08 7.47
O1 GOL C . -15.11 2.00 6.32
C2 GOL C . -16.24 0.70 8.04
O2 GOL C . -16.94 -0.10 7.08
C3 GOL C . -15.02 -0.01 8.61
O3 GOL C . -15.18 -1.43 8.64
CD CD D . -9.58 -11.68 -18.55
CD CD E . -18.69 -10.95 -16.76
CD CD F . -7.81 42.07 32.16
CD CD G . -23.55 -3.18 23.93
C1 GOL H . 1.30 -1.04 -17.02
O1 GOL H . 2.11 0.15 -17.06
C2 GOL H . 1.84 -2.14 -17.92
O2 GOL H . 2.88 -1.64 -18.76
C3 GOL H . 2.27 -3.40 -17.18
O3 GOL H . 3.43 -4.01 -17.76
C1 GOL I . 30.98 -5.50 -34.32
O1 GOL I . 30.26 -4.44 -34.96
C2 GOL I . 32.45 -5.19 -34.17
O2 GOL I . 33.22 -6.32 -34.56
C3 GOL I . 32.92 -3.95 -34.91
O3 GOL I . 32.21 -2.78 -34.48
CD CD J . -22.98 5.41 -13.92
CD CD K . -22.44 7.17 -5.36
CD CD L . -6.96 -12.15 -26.50
CD CD M . -2.46 -24.35 -24.57
CD CD N . 10.22 3.59 -31.46
CD CD O . 13.57 1.98 -32.06
CD CD P . 13.72 0.05 -35.27
CD CD Q . 35.79 -37.83 -11.32
CD CD R . 19.44 1.28 -19.02
CD CD S . -15.40 14.00 -21.83
CD CD T . -29.26 0.56 -7.16
#